data_1CBU
#
_entry.id   1CBU
#
_cell.length_a   96.400
_cell.length_b   114.400
_cell.length_c   106.700
_cell.angle_alpha   90.00
_cell.angle_beta   90.00
_cell.angle_gamma   90.00
#
_symmetry.space_group_name_H-M   'C 2 2 21'
#
loop_
_entity.id
_entity.type
_entity.pdbx_description
1 polymer 'ADENOSYLCOBINAMIDE KINASE/ADENOSYLCOBINAMIDE PHOSPHATE GUANYLYLTRANSFERASE'
2 non-polymer 'SULFATE ION'
3 water water
#
_entity_poly.entity_id   1
_entity_poly.type   'polypeptide(L)'
_entity_poly.pdbx_seq_one_letter_code
;MILVTGGARSGKSRHAEALIGDAPQVLYIATSQILDDEMAARIQHHKDGRPAHWRTAECWRHLDTLITADLAPDDAILLE
CITTMVTNLLFALGGENDPEQWDYAAMERAIDDEIQILIAACQRCPAKVVLVTNEVGMGIVPENRLARHFRDIAGRVNQR
LAAAADEVWLVVSGIGVKIK
;
_entity_poly.pdbx_strand_id   A,B,C
#
loop_
_chem_comp.id
_chem_comp.type
_chem_comp.name
_chem_comp.formula
SO4 non-polymer 'SULFATE ION' 'O4 S -2'
#
# COMPACT_ATOMS: atom_id res chain seq x y z
N MET A 1 19.06 -6.19 -13.76
CA MET A 1 17.71 -6.69 -13.70
C MET A 1 16.66 -5.61 -13.38
N ILE A 2 15.40 -5.99 -13.50
CA ILE A 2 14.27 -5.15 -13.24
C ILE A 2 13.36 -5.77 -12.19
N LEU A 3 12.83 -4.93 -11.31
CA LEU A 3 11.94 -5.39 -10.25
C LEU A 3 10.52 -4.85 -10.39
N VAL A 4 9.56 -5.74 -10.13
CA VAL A 4 8.15 -5.46 -10.18
C VAL A 4 7.47 -5.82 -8.90
N THR A 5 6.75 -4.87 -8.38
CA THR A 5 6.06 -5.05 -7.15
C THR A 5 4.69 -4.41 -7.16
N GLY A 6 3.93 -4.72 -6.13
CA GLY A 6 2.59 -4.19 -5.89
C GLY A 6 1.91 -5.16 -4.98
N GLY A 7 0.60 -5.02 -4.86
CA GLY A 7 -0.16 -5.92 -3.99
C GLY A 7 -0.55 -7.26 -4.58
N ALA A 8 -1.55 -7.87 -3.93
CA ALA A 8 -2.11 -9.14 -4.31
C ALA A 8 -3.12 -8.89 -5.41
N ARG A 9 -3.00 -9.60 -6.53
CA ARG A 9 -3.93 -9.40 -7.63
C ARG A 9 -3.95 -7.94 -8.04
N SER A 10 -2.75 -7.40 -8.29
CA SER A 10 -2.57 -6.01 -8.68
C SER A 10 -2.31 -5.87 -10.18
N GLY A 11 -2.11 -7.01 -10.83
CA GLY A 11 -1.85 -7.02 -12.25
C GLY A 11 -0.38 -6.90 -12.50
N LYS A 12 0.40 -7.38 -11.52
CA LYS A 12 1.87 -7.33 -11.61
C LYS A 12 2.51 -8.24 -12.63
N SER A 13 1.94 -9.42 -12.88
CA SER A 13 2.55 -10.33 -13.86
C SER A 13 2.29 -9.87 -15.28
N ARG A 14 1.12 -9.28 -15.49
CA ARG A 14 0.77 -8.81 -16.80
C ARG A 14 1.73 -7.75 -17.25
N HIS A 15 2.01 -6.83 -16.32
CA HIS A 15 2.94 -5.78 -16.59
C HIS A 15 4.31 -6.40 -16.82
N ALA A 16 4.60 -7.40 -15.99
CA ALA A 16 5.86 -8.09 -16.09
C ALA A 16 6.03 -8.67 -17.47
N GLU A 17 4.93 -9.15 -18.03
CA GLU A 17 4.95 -9.72 -19.35
C GLU A 17 5.07 -8.71 -20.45
N ALA A 18 4.45 -7.58 -20.24
CA ALA A 18 4.49 -6.53 -21.21
C ALA A 18 5.80 -5.80 -21.15
N LEU A 19 6.66 -6.24 -20.24
CA LEU A 19 7.97 -5.61 -20.06
C LEU A 19 9.07 -6.30 -20.87
N ILE A 20 8.86 -7.61 -21.14
CA ILE A 20 9.78 -8.43 -21.93
C ILE A 20 9.50 -8.18 -23.40
N GLY A 21 8.24 -7.87 -23.63
CA GLY A 21 7.73 -7.56 -24.92
C GLY A 21 7.85 -8.69 -25.88
N ASP A 22 8.70 -8.44 -26.90
CA ASP A 22 8.97 -9.39 -27.97
C ASP A 22 10.28 -10.20 -27.91
N ALA A 23 10.74 -10.58 -26.70
CA ALA A 23 11.97 -11.37 -26.58
C ALA A 23 11.70 -12.78 -27.10
N PRO A 24 12.48 -13.16 -28.12
CA PRO A 24 12.39 -14.45 -28.79
C PRO A 24 12.18 -15.67 -27.89
N GLN A 25 13.11 -15.84 -26.98
CA GLN A 25 13.06 -16.96 -26.08
C GLN A 25 12.83 -16.48 -24.66
N VAL A 26 11.82 -17.05 -23.99
CA VAL A 26 11.51 -16.63 -22.63
C VAL A 26 11.40 -17.79 -21.67
N LEU A 27 11.98 -17.58 -20.51
CA LEU A 27 11.97 -18.56 -19.48
C LEU A 27 11.25 -18.06 -18.20
N TYR A 28 10.17 -18.74 -17.85
CA TYR A 28 9.40 -18.40 -16.67
C TYR A 28 9.85 -19.29 -15.51
N ILE A 29 10.30 -18.68 -14.43
CA ILE A 29 10.71 -19.43 -13.28
C ILE A 29 9.67 -19.26 -12.20
N ALA A 30 8.86 -20.30 -11.99
CA ALA A 30 7.81 -20.29 -10.99
C ALA A 30 8.36 -20.72 -9.64
N THR A 31 8.08 -19.98 -8.59
CA THR A 31 8.59 -20.35 -7.29
C THR A 31 7.67 -21.29 -6.56
N SER A 32 6.65 -21.72 -7.29
CA SER A 32 5.62 -22.62 -6.81
C SER A 32 4.96 -23.41 -7.95
N GLN A 33 4.34 -24.49 -7.57
CA GLN A 33 3.68 -25.34 -8.51
C GLN A 33 2.59 -24.63 -9.25
N ILE A 34 1.74 -24.02 -8.46
CA ILE A 34 0.59 -23.28 -8.93
C ILE A 34 0.99 -22.17 -9.86
N LEU A 35 2.10 -21.52 -9.53
CA LEU A 35 2.62 -20.46 -10.33
C LEU A 35 3.01 -21.02 -11.70
N ASP A 36 3.57 -22.24 -11.66
CA ASP A 36 4.02 -22.98 -12.83
C ASP A 36 2.83 -23.57 -13.57
N ASP A 37 1.88 -24.11 -12.79
CA ASP A 37 0.65 -24.73 -13.27
C ASP A 37 -0.21 -23.82 -14.15
N GLU A 38 -0.06 -22.51 -13.98
CA GLU A 38 -0.83 -21.51 -14.73
C GLU A 38 -0.07 -20.98 -15.91
N MET A 39 1.17 -20.62 -15.66
CA MET A 39 1.99 -20.10 -16.71
C MET A 39 2.01 -21.09 -17.84
N ALA A 40 2.04 -22.35 -17.45
CA ALA A 40 2.08 -23.42 -18.42
C ALA A 40 0.86 -23.40 -19.29
N ALA A 41 -0.29 -23.52 -18.64
CA ALA A 41 -1.58 -23.50 -19.30
C ALA A 41 -1.78 -22.31 -20.19
N ARG A 42 -1.35 -21.19 -19.65
CA ARG A 42 -1.40 -19.91 -20.29
C ARG A 42 -0.49 -19.82 -21.50
N ILE A 43 0.54 -20.64 -21.49
CA ILE A 43 1.50 -20.70 -22.56
C ILE A 43 0.89 -21.47 -23.72
N GLN A 44 0.33 -22.61 -23.36
CA GLN A 44 -0.31 -23.50 -24.29
C GLN A 44 -1.35 -22.77 -25.12
N HIS A 45 -2.12 -21.93 -24.43
CA HIS A 45 -3.17 -21.19 -25.07
C HIS A 45 -2.67 -20.11 -26.02
N HIS A 46 -1.54 -19.51 -25.69
CA HIS A 46 -0.97 -18.46 -26.50
C HIS A 46 0.25 -18.85 -27.26
N LYS A 47 0.60 -20.11 -27.18
CA LYS A 47 1.79 -20.55 -27.85
C LYS A 47 1.75 -20.41 -29.36
N ASP A 48 0.55 -20.25 -29.90
CA ASP A 48 0.41 -20.11 -31.34
C ASP A 48 0.11 -18.69 -31.80
N GLY A 49 -0.39 -17.88 -30.85
CA GLY A 49 -0.74 -16.48 -31.09
C GLY A 49 0.39 -15.55 -30.65
N ARG A 50 1.54 -16.15 -30.35
CA ARG A 50 2.76 -15.47 -29.92
C ARG A 50 3.99 -16.14 -30.55
N PRO A 51 4.78 -15.38 -31.30
CA PRO A 51 5.96 -15.95 -31.93
C PRO A 51 6.96 -16.45 -30.86
N ALA A 52 7.25 -15.59 -29.87
CA ALA A 52 8.17 -15.92 -28.80
C ALA A 52 7.86 -17.27 -28.17
N HIS A 53 8.93 -17.98 -27.91
CA HIS A 53 8.81 -19.29 -27.33
C HIS A 53 8.94 -19.18 -25.83
N TRP A 54 7.92 -19.65 -25.16
CA TRP A 54 7.90 -19.62 -23.72
C TRP A 54 8.08 -21.00 -23.13
N ARG A 55 8.89 -21.07 -22.07
CA ARG A 55 9.20 -22.30 -21.34
C ARG A 55 9.06 -22.03 -19.85
N THR A 56 8.75 -23.07 -19.07
CA THR A 56 8.59 -22.95 -17.63
C THR A 56 9.52 -23.89 -16.85
N ALA A 57 9.62 -23.60 -15.58
CA ALA A 57 10.43 -24.35 -14.64
C ALA A 57 10.22 -23.86 -13.20
N GLU A 58 10.23 -24.78 -12.27
CA GLU A 58 10.03 -24.40 -10.91
C GLU A 58 11.35 -24.35 -10.16
N CYS A 59 11.58 -23.24 -9.44
CA CYS A 59 12.82 -23.12 -8.69
C CYS A 59 12.78 -21.95 -7.74
N TRP A 60 13.34 -22.18 -6.57
CA TRP A 60 13.39 -21.16 -5.56
C TRP A 60 14.60 -21.37 -4.69
N ARG A 61 15.64 -21.82 -5.33
CA ARG A 61 16.84 -22.08 -4.64
C ARG A 61 17.95 -22.29 -5.61
N HIS A 62 19.06 -21.61 -5.37
CA HIS A 62 20.18 -21.73 -6.26
C HIS A 62 19.75 -21.38 -7.64
N LEU A 63 19.19 -20.20 -7.73
CA LEU A 63 18.70 -19.69 -8.95
C LEU A 63 19.80 -19.41 -9.94
N ASP A 64 21.03 -19.34 -9.44
CA ASP A 64 22.21 -19.09 -10.29
C ASP A 64 22.45 -20.27 -11.20
N THR A 65 21.61 -21.24 -11.00
CA THR A 65 21.65 -22.46 -11.73
C THR A 65 20.79 -22.37 -12.95
N LEU A 66 19.91 -21.37 -12.93
CA LEU A 66 18.98 -21.09 -14.01
C LEU A 66 19.33 -19.78 -14.66
N ILE A 67 19.83 -18.87 -13.85
CA ILE A 67 20.26 -17.57 -14.30
C ILE A 67 21.74 -17.64 -14.54
N THR A 68 22.13 -17.91 -15.77
CA THR A 68 23.54 -18.03 -16.05
C THR A 68 24.12 -17.05 -17.02
N ALA A 69 25.44 -17.13 -17.06
CA ALA A 69 26.27 -16.30 -17.88
C ALA A 69 26.36 -16.77 -19.33
N ASP A 70 25.49 -17.71 -19.73
CA ASP A 70 25.51 -18.21 -21.10
C ASP A 70 24.24 -17.94 -21.91
N LEU A 71 23.52 -16.89 -21.52
CA LEU A 71 22.28 -16.52 -22.20
C LEU A 71 22.44 -15.29 -23.06
N ALA A 72 21.58 -15.18 -24.06
CA ALA A 72 21.61 -14.07 -24.99
C ALA A 72 20.89 -12.82 -24.52
N PRO A 73 21.50 -11.68 -24.83
CA PRO A 73 20.99 -10.37 -24.49
C PRO A 73 19.54 -10.21 -24.89
N ASP A 74 19.11 -11.09 -25.80
CA ASP A 74 17.75 -11.09 -26.29
C ASP A 74 16.90 -12.01 -25.43
N ASP A 75 17.60 -12.93 -24.72
CA ASP A 75 16.92 -13.87 -23.84
C ASP A 75 16.28 -13.14 -22.69
N ALA A 76 15.17 -13.69 -22.25
CA ALA A 76 14.42 -13.10 -21.15
C ALA A 76 14.23 -14.06 -20.00
N ILE A 77 13.90 -13.50 -18.85
CA ILE A 77 13.67 -14.27 -17.66
C ILE A 77 12.62 -13.60 -16.83
N LEU A 78 11.55 -14.31 -16.56
CA LEU A 78 10.48 -13.76 -15.77
C LEU A 78 10.26 -14.63 -14.56
N LEU A 79 10.97 -14.31 -13.48
CA LEU A 79 10.85 -15.08 -12.25
C LEU A 79 9.75 -14.51 -11.38
N GLU A 80 8.84 -15.37 -10.93
CA GLU A 80 7.74 -14.95 -10.09
C GLU A 80 7.37 -16.09 -9.13
N CYS A 81 7.17 -15.84 -7.81
CA CYS A 81 7.22 -14.57 -7.08
C CYS A 81 8.23 -14.63 -5.90
N ILE A 82 9.00 -13.57 -5.72
CA ILE A 82 10.00 -13.52 -4.66
C ILE A 82 9.53 -13.91 -3.24
N THR A 83 8.43 -13.32 -2.83
CA THR A 83 7.81 -13.56 -1.52
C THR A 83 7.42 -15.05 -1.29
N THR A 84 6.94 -15.72 -2.34
CA THR A 84 6.61 -17.11 -2.17
C THR A 84 7.91 -17.87 -1.98
N MET A 85 8.97 -17.33 -2.53
CA MET A 85 10.27 -17.93 -2.42
C MET A 85 10.83 -17.85 -1.00
N VAL A 86 10.52 -16.74 -0.31
CA VAL A 86 10.98 -16.50 1.06
C VAL A 86 10.21 -17.42 2.03
N THR A 87 8.93 -17.59 1.76
CA THR A 87 8.07 -18.44 2.56
C THR A 87 8.61 -19.83 2.52
N ASN A 88 8.88 -20.27 1.29
CA ASN A 88 9.41 -21.58 0.99
C ASN A 88 10.71 -21.86 1.70
N LEU A 89 11.58 -20.85 1.78
CA LEU A 89 12.86 -21.00 2.43
C LEU A 89 12.74 -21.13 3.92
N LEU A 90 11.84 -20.31 4.45
CA LEU A 90 11.59 -20.32 5.86
C LEU A 90 11.27 -21.75 6.36
N PHE A 91 10.19 -22.25 5.86
CA PHE A 91 9.72 -23.56 6.19
C PHE A 91 10.77 -24.57 6.03
N ALA A 92 11.57 -24.37 5.00
CA ALA A 92 12.64 -25.29 4.73
C ALA A 92 13.78 -25.16 5.73
N LEU A 93 14.06 -23.93 6.13
CA LEU A 93 15.12 -23.69 7.09
C LEU A 93 14.70 -24.06 8.49
N GLY A 94 13.43 -23.80 8.80
CA GLY A 94 12.90 -24.12 10.11
C GLY A 94 12.73 -25.61 10.15
N GLY A 95 11.88 -26.07 9.21
CA GLY A 95 11.56 -27.46 9.01
C GLY A 95 10.81 -28.17 10.12
N GLU A 96 11.42 -29.28 10.54
CA GLU A 96 10.92 -30.18 11.59
C GLU A 96 10.43 -29.48 12.84
N ASN A 97 10.97 -28.30 13.12
CA ASN A 97 10.57 -27.59 14.32
C ASN A 97 9.43 -26.60 14.19
N ASP A 98 8.68 -26.54 15.28
CA ASP A 98 7.56 -25.67 15.40
C ASP A 98 8.08 -24.24 15.31
N PRO A 99 7.39 -23.40 14.54
CA PRO A 99 7.78 -22.01 14.33
C PRO A 99 8.13 -21.22 15.57
N GLU A 100 7.51 -21.57 16.67
CA GLU A 100 7.76 -20.87 17.90
C GLU A 100 9.10 -21.21 18.50
N GLN A 101 9.80 -22.09 17.83
CA GLN A 101 11.11 -22.49 18.27
C GLN A 101 12.10 -22.11 17.20
N TRP A 102 11.61 -21.23 16.34
CA TRP A 102 12.38 -20.74 15.25
C TRP A 102 13.34 -19.64 15.67
N ASP A 103 14.53 -19.65 15.04
CA ASP A 103 15.58 -18.66 15.24
C ASP A 103 15.57 -17.79 14.00
N TYR A 104 14.68 -16.82 13.97
CA TYR A 104 14.58 -15.97 12.81
C TYR A 104 15.85 -15.28 12.39
N ALA A 105 16.59 -14.82 13.36
CA ALA A 105 17.82 -14.15 13.03
C ALA A 105 18.73 -15.03 12.17
N ALA A 106 18.90 -16.29 12.59
CA ALA A 106 19.74 -17.23 11.86
C ALA A 106 19.13 -17.61 10.53
N MET A 107 17.81 -17.59 10.46
CA MET A 107 17.13 -17.91 9.23
C MET A 107 17.19 -16.75 8.23
N GLU A 108 17.33 -15.53 8.75
CA GLU A 108 17.42 -14.36 7.90
C GLU A 108 18.73 -14.32 7.12
N ARG A 109 19.79 -14.80 7.78
CA ARG A 109 21.09 -14.85 7.16
C ARG A 109 21.10 -15.84 5.99
N ALA A 110 20.60 -17.05 6.25
CA ALA A 110 20.56 -18.06 5.22
C ALA A 110 19.82 -17.54 4.04
N ILE A 111 18.73 -16.88 4.33
CA ILE A 111 17.93 -16.33 3.30
C ILE A 111 18.65 -15.30 2.44
N ASP A 112 19.21 -14.29 3.08
CA ASP A 112 19.93 -13.24 2.33
C ASP A 112 20.97 -13.85 1.42
N ASP A 113 21.65 -14.84 1.99
CA ASP A 113 22.68 -15.58 1.33
C ASP A 113 22.17 -16.20 0.04
N GLU A 114 20.84 -16.35 -0.01
CA GLU A 114 20.15 -16.90 -1.16
C GLU A 114 19.80 -15.75 -2.09
N ILE A 115 19.58 -14.58 -1.49
CA ILE A 115 19.26 -13.39 -2.26
C ILE A 115 20.48 -12.95 -3.08
N GLN A 116 21.64 -12.87 -2.44
CA GLN A 116 22.87 -12.46 -3.13
C GLN A 116 23.11 -13.27 -4.38
N ILE A 117 23.04 -14.59 -4.22
CA ILE A 117 23.26 -15.55 -5.28
C ILE A 117 22.49 -15.18 -6.49
N LEU A 118 21.20 -14.97 -6.25
CA LEU A 118 20.30 -14.60 -7.31
C LEU A 118 20.66 -13.24 -7.88
N ILE A 119 21.03 -12.35 -6.98
CA ILE A 119 21.41 -11.00 -7.31
C ILE A 119 22.69 -11.01 -8.11
N ALA A 120 23.68 -11.67 -7.53
CA ALA A 120 24.97 -11.76 -8.18
C ALA A 120 24.82 -12.46 -9.51
N ALA A 121 23.86 -13.39 -9.55
CA ALA A 121 23.59 -14.15 -10.76
C ALA A 121 23.06 -13.31 -11.90
N CYS A 122 22.15 -12.40 -11.58
CA CYS A 122 21.57 -11.55 -12.61
C CYS A 122 22.60 -10.63 -13.21
N GLN A 123 23.63 -10.29 -12.42
CA GLN A 123 24.72 -9.42 -12.85
C GLN A 123 25.50 -10.07 -13.97
N ARG A 124 25.75 -11.36 -13.73
CA ARG A 124 26.46 -12.20 -14.65
C ARG A 124 25.59 -12.53 -15.84
N CYS A 125 24.33 -12.87 -15.56
CA CYS A 125 23.42 -13.20 -16.63
C CYS A 125 23.21 -12.02 -17.58
N PRO A 126 23.64 -12.23 -18.85
CA PRO A 126 23.57 -11.26 -19.95
C PRO A 126 22.16 -10.97 -20.49
N ALA A 127 21.19 -11.77 -20.05
CA ALA A 127 19.80 -11.62 -20.46
C ALA A 127 19.02 -10.69 -19.55
N LYS A 128 17.88 -10.25 -20.06
CA LYS A 128 16.98 -9.36 -19.36
C LYS A 128 16.25 -10.04 -18.21
N VAL A 129 16.63 -9.73 -16.97
CA VAL A 129 15.99 -10.34 -15.83
C VAL A 129 14.91 -9.51 -15.16
N VAL A 130 13.72 -10.08 -15.07
CA VAL A 130 12.57 -9.44 -14.46
C VAL A 130 12.06 -10.22 -13.27
N LEU A 131 12.03 -9.56 -12.10
CA LEU A 131 11.57 -10.18 -10.86
C LEU A 131 10.30 -9.57 -10.29
N VAL A 132 9.44 -10.43 -9.77
CA VAL A 132 8.17 -10.04 -9.18
C VAL A 132 8.10 -10.40 -7.71
N THR A 133 7.64 -9.44 -6.96
CA THR A 133 7.47 -9.56 -5.55
C THR A 133 6.23 -8.83 -5.13
N ASN A 134 5.90 -8.96 -3.86
CA ASN A 134 4.72 -8.32 -3.32
C ASN A 134 5.07 -7.40 -2.21
N GLU A 135 4.16 -6.46 -2.01
CA GLU A 135 4.25 -5.50 -0.98
C GLU A 135 3.31 -6.01 0.06
N VAL A 136 3.85 -6.43 1.20
CA VAL A 136 3.04 -6.96 2.26
C VAL A 136 3.16 -6.17 3.55
N GLY A 137 3.77 -5.00 3.50
CA GLY A 137 3.93 -4.23 4.72
C GLY A 137 3.05 -2.99 4.87
N MET A 138 1.93 -2.91 4.15
CA MET A 138 1.06 -1.74 4.26
C MET A 138 -0.21 -1.96 5.00
N GLY A 139 -0.21 -2.97 5.84
CA GLY A 139 -1.36 -3.29 6.62
C GLY A 139 -1.04 -3.07 8.08
N ILE A 140 -1.91 -3.64 8.92
CA ILE A 140 -1.79 -3.57 10.35
C ILE A 140 -0.86 -4.69 10.83
N VAL A 141 -0.13 -4.47 11.91
CA VAL A 141 0.78 -5.49 12.44
C VAL A 141 0.04 -6.77 12.80
N PRO A 142 0.61 -7.92 12.40
CA PRO A 142 -0.01 -9.20 12.67
C PRO A 142 0.31 -9.81 14.02
N GLU A 143 -0.71 -10.46 14.54
CA GLU A 143 -0.66 -11.13 15.80
C GLU A 143 0.08 -12.43 15.64
N ASN A 144 -0.10 -13.07 14.48
CA ASN A 144 0.61 -14.30 14.24
C ASN A 144 2.08 -13.97 14.20
N ARG A 145 2.81 -14.62 15.07
CA ARG A 145 4.25 -14.49 15.29
C ARG A 145 5.10 -14.65 14.04
N LEU A 146 4.86 -15.73 13.35
CA LEU A 146 5.56 -16.07 12.13
C LEU A 146 5.28 -15.06 10.99
N ALA A 147 4.05 -14.56 10.96
CA ALA A 147 3.64 -13.59 9.98
C ALA A 147 4.42 -12.29 10.19
N ARG A 148 4.43 -11.88 11.44
CA ARG A 148 5.12 -10.67 11.86
C ARG A 148 6.55 -10.65 11.35
N HIS A 149 7.19 -11.80 11.50
CA HIS A 149 8.55 -11.96 11.05
C HIS A 149 8.62 -11.93 9.54
N PHE A 150 7.77 -12.72 8.92
CA PHE A 150 7.74 -12.80 7.48
C PHE A 150 7.60 -11.41 6.82
N ARG A 151 6.70 -10.60 7.34
CA ARG A 151 6.51 -9.28 6.81
C ARG A 151 7.80 -8.50 6.84
N ASP A 152 8.46 -8.62 7.96
CA ASP A 152 9.70 -7.96 8.23
C ASP A 152 10.79 -8.41 7.31
N ILE A 153 10.96 -9.67 7.23
CA ILE A 153 11.98 -10.18 6.39
C ILE A 153 11.71 -9.88 4.95
N ALA A 154 10.44 -9.87 4.61
CA ALA A 154 10.03 -9.60 3.25
C ALA A 154 10.27 -8.18 2.83
N GLY A 155 10.18 -7.29 3.76
CA GLY A 155 10.39 -5.93 3.36
C GLY A 155 11.86 -5.72 3.15
N ARG A 156 12.65 -6.32 4.04
CA ARG A 156 14.10 -6.20 3.97
C ARG A 156 14.64 -6.82 2.72
N VAL A 157 13.95 -7.80 2.21
CA VAL A 157 14.42 -8.43 1.01
C VAL A 157 14.09 -7.53 -0.16
N ASN A 158 12.89 -6.99 -0.15
CA ASN A 158 12.46 -6.10 -1.20
C ASN A 158 13.40 -4.96 -1.35
N GLN A 159 14.00 -4.57 -0.26
CA GLN A 159 14.95 -3.49 -0.29
C GLN A 159 16.27 -3.89 -0.97
N ARG A 160 16.68 -5.13 -0.71
CA ARG A 160 17.92 -5.69 -1.25
C ARG A 160 17.93 -5.74 -2.77
N LEU A 161 16.81 -6.25 -3.31
CA LEU A 161 16.60 -6.41 -4.74
C LEU A 161 16.35 -5.08 -5.43
N ALA A 162 15.71 -4.17 -4.68
CA ALA A 162 15.37 -2.83 -5.15
C ALA A 162 16.64 -2.02 -5.40
N ALA A 163 17.55 -2.11 -4.45
CA ALA A 163 18.81 -1.41 -4.55
C ALA A 163 19.59 -1.88 -5.77
N ALA A 164 19.56 -3.19 -6.00
CA ALA A 164 20.26 -3.81 -7.12
C ALA A 164 19.54 -3.72 -8.45
N ALA A 165 18.25 -3.54 -8.42
CA ALA A 165 17.54 -3.45 -9.65
C ALA A 165 18.04 -2.23 -10.41
N ASP A 166 17.75 -2.17 -11.69
CA ASP A 166 18.17 -1.05 -12.51
C ASP A 166 16.97 -0.17 -12.74
N GLU A 167 15.83 -0.85 -12.74
CA GLU A 167 14.52 -0.27 -12.91
C GLU A 167 13.63 -0.87 -11.86
N VAL A 168 12.72 -0.06 -11.33
CA VAL A 168 11.79 -0.51 -10.32
C VAL A 168 10.42 -0.06 -10.68
N TRP A 169 9.51 -0.97 -10.66
CA TRP A 169 8.14 -0.66 -11.02
C TRP A 169 7.17 -0.88 -9.92
N LEU A 170 6.16 -0.06 -9.89
CA LEU A 170 5.13 -0.21 -8.89
C LEU A 170 3.81 -0.38 -9.58
N VAL A 171 3.09 -1.42 -9.21
CA VAL A 171 1.82 -1.70 -9.85
C VAL A 171 0.64 -1.51 -8.95
N VAL A 172 -0.26 -0.66 -9.41
CA VAL A 172 -1.45 -0.40 -8.67
C VAL A 172 -2.70 -0.50 -9.51
N SER A 173 -3.49 -1.49 -9.23
CA SER A 173 -4.70 -1.67 -9.95
C SER A 173 -4.48 -1.80 -11.45
N GLY A 174 -3.42 -2.50 -11.82
CA GLY A 174 -3.10 -2.72 -13.22
C GLY A 174 -2.15 -1.72 -13.82
N ILE A 175 -2.17 -0.48 -13.31
CA ILE A 175 -1.31 0.58 -13.80
C ILE A 175 0.06 0.60 -13.13
N GLY A 176 1.11 0.61 -13.96
CA GLY A 176 2.49 0.61 -13.52
C GLY A 176 3.04 1.98 -13.24
N VAL A 177 3.97 2.03 -12.30
CA VAL A 177 4.61 3.26 -11.93
C VAL A 177 6.10 3.10 -11.70
N LYS A 178 6.87 3.58 -12.64
CA LYS A 178 8.29 3.50 -12.56
C LYS A 178 8.81 4.39 -11.45
N ILE A 179 9.25 3.79 -10.38
CA ILE A 179 9.74 4.54 -9.26
C ILE A 179 11.25 4.65 -9.21
N LYS A 180 11.87 3.86 -10.06
CA LYS A 180 13.32 3.81 -10.17
C LYS A 180 13.67 3.57 -11.65
N MET B 1 7.63 21.50 7.48
CA MET B 1 8.29 20.24 7.80
C MET B 1 8.23 19.27 6.62
N ILE B 2 8.87 18.10 6.80
CA ILE B 2 8.92 17.05 5.78
C ILE B 2 8.29 15.76 6.32
N LEU B 3 7.49 15.09 5.47
CA LEU B 3 6.84 13.84 5.85
C LEU B 3 7.30 12.64 4.99
N VAL B 4 7.69 11.58 5.71
CA VAL B 4 8.15 10.34 5.13
C VAL B 4 7.23 9.22 5.60
N THR B 5 6.49 8.65 4.66
CA THR B 5 5.57 7.58 4.94
C THR B 5 6.00 6.34 4.18
N GLY B 6 5.42 5.21 4.49
CA GLY B 6 5.80 3.97 3.83
C GLY B 6 5.37 2.80 4.67
N GLY B 7 5.71 1.60 4.26
CA GLY B 7 5.26 0.48 5.06
C GLY B 7 6.32 -0.03 5.98
N ALA B 8 6.01 -1.16 6.61
CA ALA B 8 6.93 -1.78 7.53
C ALA B 8 8.09 -2.37 6.72
N ARG B 9 9.29 -1.95 7.04
CA ARG B 9 10.48 -2.41 6.32
C ARG B 9 10.53 -1.90 4.87
N SER B 10 10.06 -0.64 4.69
CA SER B 10 10.05 0.03 3.39
C SER B 10 11.35 0.75 3.21
N GLY B 11 12.05 0.93 4.33
CA GLY B 11 13.32 1.62 4.37
C GLY B 11 13.14 3.14 4.46
N LYS B 12 12.06 3.60 5.10
CA LYS B 12 11.76 5.01 5.25
C LYS B 12 12.72 5.68 6.24
N SER B 13 13.09 4.93 7.27
CA SER B 13 14.00 5.44 8.30
C SER B 13 15.37 5.74 7.75
N ARG B 14 15.73 5.02 6.70
CA ARG B 14 17.01 5.20 6.06
C ARG B 14 16.90 6.34 5.07
N HIS B 15 15.71 6.50 4.53
CA HIS B 15 15.46 7.55 3.60
C HIS B 15 15.45 8.88 4.32
N ALA B 16 14.67 8.92 5.38
CA ALA B 16 14.53 10.09 6.20
C ALA B 16 15.88 10.65 6.63
N GLU B 17 16.75 9.75 7.07
CA GLU B 17 18.08 10.11 7.54
C GLU B 17 18.89 10.81 6.47
N ALA B 18 18.72 10.32 5.26
CA ALA B 18 19.41 10.85 4.13
C ALA B 18 18.84 12.21 3.77
N LEU B 19 17.60 12.41 4.15
CA LEU B 19 16.94 13.66 3.88
C LEU B 19 17.65 14.76 4.71
N ILE B 20 17.79 14.49 6.02
CA ILE B 20 18.45 15.38 6.95
C ILE B 20 19.80 15.80 6.34
N GLY B 21 20.54 14.79 5.90
CA GLY B 21 21.83 14.96 5.24
C GLY B 21 23.02 15.29 6.12
N ASP B 22 23.82 16.21 5.60
CA ASP B 22 25.02 16.68 6.25
C ASP B 22 24.72 17.84 7.16
N ALA B 23 23.95 17.55 8.20
CA ALA B 23 23.60 18.57 9.18
C ALA B 23 24.57 18.46 10.33
N PRO B 24 24.83 19.59 10.96
CA PRO B 24 25.78 19.66 12.07
C PRO B 24 25.21 19.14 13.38
N GLN B 25 24.04 19.68 13.74
CA GLN B 25 23.36 19.32 14.95
C GLN B 25 22.09 18.58 14.68
N VAL B 26 22.05 17.34 15.11
CA VAL B 26 20.88 16.55 14.89
C VAL B 26 20.28 15.95 16.16
N LEU B 27 19.00 16.21 16.32
CA LEU B 27 18.25 15.70 17.43
C LEU B 27 17.27 14.62 16.93
N TYR B 28 17.45 13.43 17.44
CA TYR B 28 16.60 12.33 17.11
C TYR B 28 15.55 12.11 18.22
N ILE B 29 14.26 12.33 17.91
CA ILE B 29 13.17 12.13 18.87
C ILE B 29 12.44 10.79 18.62
N ALA B 30 12.77 9.80 19.47
CA ALA B 30 12.22 8.44 19.44
C ALA B 30 10.88 8.39 20.18
N THR B 31 9.83 7.86 19.57
CA THR B 31 8.55 7.83 20.26
C THR B 31 8.38 6.60 21.06
N SER B 32 9.48 5.95 21.28
CA SER B 32 9.49 4.75 22.05
C SER B 32 10.91 4.43 22.45
N GLN B 33 11.03 3.59 23.46
CA GLN B 33 12.31 3.17 24.01
C GLN B 33 13.20 2.39 23.05
N ILE B 34 12.62 1.43 22.35
CA ILE B 34 13.41 0.64 21.43
C ILE B 34 14.05 1.52 20.40
N LEU B 35 13.26 2.41 19.85
CA LEU B 35 13.78 3.33 18.84
C LEU B 35 14.95 4.12 19.42
N ASP B 36 14.77 4.60 20.66
CA ASP B 36 15.79 5.36 21.36
C ASP B 36 17.08 4.55 21.57
N ASP B 37 16.94 3.38 22.21
CA ASP B 37 18.06 2.49 22.48
C ASP B 37 18.71 2.07 21.19
N GLU B 38 17.85 1.99 20.18
CA GLU B 38 18.19 1.63 18.84
C GLU B 38 19.20 2.60 18.30
N MET B 39 18.81 3.87 18.26
CA MET B 39 19.69 4.89 17.77
C MET B 39 20.81 5.23 18.75
N ALA B 40 20.58 5.00 20.04
CA ALA B 40 21.62 5.30 21.01
C ALA B 40 22.87 4.45 20.71
N ALA B 41 22.61 3.27 20.15
CA ALA B 41 23.65 2.32 19.78
C ALA B 41 24.36 2.70 18.48
N ARG B 42 23.58 3.14 17.49
CA ARG B 42 24.13 3.55 16.20
C ARG B 42 25.15 4.67 16.36
N ILE B 43 24.71 5.75 17.02
CA ILE B 43 25.50 6.94 17.30
C ILE B 43 26.85 6.63 17.96
N GLN B 44 26.87 5.66 18.84
CA GLN B 44 28.11 5.29 19.51
C GLN B 44 29.13 4.77 18.50
N HIS B 45 28.65 4.50 17.29
CA HIS B 45 29.49 3.98 16.22
C HIS B 45 29.85 4.95 15.10
N HIS B 46 28.86 5.61 14.52
CA HIS B 46 29.12 6.59 13.47
C HIS B 46 29.64 7.88 14.05
N LYS B 47 29.70 7.92 15.40
CA LYS B 47 30.16 9.09 16.13
C LYS B 47 31.54 9.55 15.74
N ASP B 48 32.48 8.60 15.71
CA ASP B 48 33.86 8.87 15.37
C ASP B 48 34.11 9.13 13.87
N GLY B 49 33.52 8.28 13.01
CA GLY B 49 33.67 8.42 11.56
C GLY B 49 33.28 9.81 11.08
N ARG B 50 31.98 10.12 11.25
CA ARG B 50 31.39 11.42 10.87
C ARG B 50 31.86 12.60 11.73
N PRO B 51 31.42 13.79 11.31
CA PRO B 51 31.73 15.04 11.98
C PRO B 51 30.49 15.90 12.15
N ALA B 52 29.38 15.20 12.40
CA ALA B 52 28.08 15.79 12.64
C ALA B 52 27.65 15.34 14.04
N HIS B 53 27.05 16.23 14.81
CA HIS B 53 26.65 15.86 16.17
C HIS B 53 25.24 15.36 16.28
N TRP B 54 25.12 14.13 16.75
CA TRP B 54 23.85 13.48 16.94
C TRP B 54 23.56 13.20 18.42
N ARG B 55 22.29 13.24 18.75
CA ARG B 55 21.83 12.99 20.08
C ARG B 55 20.40 12.54 20.01
N THR B 56 19.93 11.88 21.09
CA THR B 56 18.56 11.36 21.16
C THR B 56 17.75 11.79 22.36
N ALA B 57 16.47 11.62 22.20
CA ALA B 57 15.53 11.95 23.19
C ALA B 57 14.21 11.23 22.98
N GLU B 58 13.74 10.61 24.04
CA GLU B 58 12.49 9.87 24.02
C GLU B 58 11.30 10.75 24.45
N CYS B 59 10.48 11.11 23.48
CA CYS B 59 9.32 11.92 23.77
C CYS B 59 8.22 11.68 22.77
N TRP B 60 7.01 11.52 23.25
CA TRP B 60 5.93 11.31 22.34
C TRP B 60 4.73 12.07 22.79
N ARG B 61 5.01 13.10 23.53
CA ARG B 61 3.99 13.96 24.06
C ARG B 61 4.58 15.31 24.33
N HIS B 62 3.87 16.34 23.87
CA HIS B 62 4.32 17.71 24.05
C HIS B 62 5.66 17.94 23.41
N LEU B 63 5.67 17.73 22.09
CA LEU B 63 6.86 17.87 21.30
C LEU B 63 7.30 19.29 21.14
N ASP B 64 6.39 20.21 21.43
CA ASP B 64 6.68 21.62 21.35
C ASP B 64 7.79 21.92 22.34
N THR B 65 7.94 20.97 23.23
CA THR B 65 8.96 21.02 24.25
C THR B 65 10.35 20.89 23.64
N LEU B 66 10.43 20.11 22.55
CA LEU B 66 11.67 19.85 21.83
C LEU B 66 11.73 20.55 20.51
N ILE B 67 10.56 20.78 19.94
CA ILE B 67 10.47 21.47 18.68
C ILE B 67 10.22 22.91 18.98
N THR B 68 11.29 23.59 19.37
CA THR B 68 11.25 24.99 19.76
C THR B 68 11.70 25.99 18.74
N ALA B 69 11.40 27.26 19.07
CA ALA B 69 11.73 28.41 18.25
C ALA B 69 13.20 28.87 18.40
N ASP B 70 13.87 28.51 19.50
CA ASP B 70 15.26 28.93 19.70
C ASP B 70 16.27 28.04 18.99
N LEU B 71 15.79 27.26 18.01
CA LEU B 71 16.62 26.35 17.24
C LEU B 71 17.13 26.99 15.95
N ALA B 72 18.35 26.65 15.56
CA ALA B 72 18.98 27.14 14.35
C ALA B 72 18.45 26.45 13.08
N PRO B 73 18.34 27.23 11.99
CA PRO B 73 17.86 26.72 10.71
C PRO B 73 18.80 25.71 10.07
N ASP B 74 19.96 25.53 10.71
CA ASP B 74 21.01 24.61 10.29
C ASP B 74 20.82 23.30 11.03
N ASP B 75 20.18 23.44 12.19
CA ASP B 75 19.87 22.33 13.07
C ASP B 75 18.87 21.43 12.38
N ALA B 76 18.73 20.22 12.88
CA ALA B 76 17.80 19.28 12.30
C ALA B 76 17.13 18.41 13.34
N ILE B 77 15.98 17.88 12.97
CA ILE B 77 15.25 17.04 13.87
C ILE B 77 14.60 15.90 13.14
N LEU B 78 14.87 14.68 13.61
CA LEU B 78 14.31 13.46 13.05
C LEU B 78 13.37 12.82 14.08
N LEU B 79 12.10 12.73 13.74
CA LEU B 79 11.14 12.14 14.63
C LEU B 79 10.70 10.79 14.17
N GLU B 80 10.84 9.82 15.01
CA GLU B 80 10.44 8.48 14.66
C GLU B 80 9.91 7.83 15.90
N CYS B 81 8.70 7.27 15.86
CA CYS B 81 7.81 7.20 14.71
C CYS B 81 6.44 7.73 15.11
N ILE B 82 5.74 8.34 14.19
CA ILE B 82 4.43 8.91 14.48
C ILE B 82 3.32 7.90 14.82
N THR B 83 3.40 6.72 14.28
CA THR B 83 2.38 5.75 14.55
C THR B 83 2.47 5.11 15.94
N THR B 84 3.68 5.03 16.46
CA THR B 84 3.92 4.47 17.77
C THR B 84 3.55 5.50 18.79
N MET B 85 3.67 6.76 18.37
CA MET B 85 3.33 7.85 19.23
C MET B 85 1.84 7.76 19.46
N VAL B 86 1.12 7.55 18.33
CA VAL B 86 -0.32 7.41 18.34
C VAL B 86 -0.81 6.30 19.27
N THR B 87 -0.29 5.10 19.07
CA THR B 87 -0.70 4.02 19.92
C THR B 87 -0.35 4.30 21.36
N ASN B 88 0.80 4.92 21.55
CA ASN B 88 1.29 5.28 22.85
C ASN B 88 0.25 6.12 23.59
N LEU B 89 -0.27 7.13 22.89
CA LEU B 89 -1.27 8.04 23.43
C LEU B 89 -2.61 7.37 23.70
N LEU B 90 -2.90 6.37 22.90
CA LEU B 90 -4.12 5.62 23.03
C LEU B 90 -4.19 4.90 24.36
N PHE B 91 -3.06 4.32 24.75
CA PHE B 91 -2.99 3.58 25.98
C PHE B 91 -3.02 4.45 27.21
N ALA B 92 -2.38 5.59 27.05
CA ALA B 92 -2.29 6.58 28.06
C ALA B 92 -3.64 7.23 28.27
N LEU B 93 -4.23 7.68 27.15
CA LEU B 93 -5.53 8.31 27.17
C LEU B 93 -6.57 7.36 27.71
N GLY B 94 -6.41 6.08 27.33
CA GLY B 94 -7.29 5.00 27.73
C GLY B 94 -7.11 4.62 29.19
N GLY B 95 -5.95 4.98 29.71
CA GLY B 95 -5.61 4.73 31.09
C GLY B 95 -5.62 3.28 31.49
N GLU B 96 -6.33 3.04 32.61
CA GLU B 96 -6.48 1.75 33.28
C GLU B 96 -7.77 0.95 32.98
N ASN B 97 -8.49 1.34 31.92
CA ASN B 97 -9.73 0.63 31.57
C ASN B 97 -9.58 -0.39 30.43
N ASP B 98 -10.55 -1.30 30.34
CA ASP B 98 -10.51 -2.28 29.28
C ASP B 98 -10.91 -1.63 27.94
N PRO B 99 -9.98 -1.61 26.99
CA PRO B 99 -10.13 -1.02 25.69
C PRO B 99 -11.53 -1.12 25.08
N GLU B 100 -12.29 -2.10 25.47
CA GLU B 100 -13.63 -2.20 24.95
C GLU B 100 -14.40 -0.93 25.32
N GLN B 101 -14.35 -0.60 26.62
CA GLN B 101 -15.02 0.55 27.24
C GLN B 101 -14.45 1.91 26.87
N TRP B 102 -13.60 1.96 25.84
CA TRP B 102 -13.02 3.24 25.45
C TRP B 102 -13.94 4.07 24.54
N ASP B 103 -13.82 5.39 24.71
CA ASP B 103 -14.54 6.38 23.95
C ASP B 103 -13.60 6.89 22.87
N TYR B 104 -13.51 6.14 21.79
CA TYR B 104 -12.63 6.46 20.69
C TYR B 104 -12.79 7.84 20.05
N ALA B 105 -13.99 8.40 20.13
CA ALA B 105 -14.22 9.71 19.55
C ALA B 105 -13.42 10.73 20.33
N ALA B 106 -13.52 10.61 21.65
CA ALA B 106 -12.85 11.48 22.60
C ALA B 106 -11.33 11.35 22.57
N MET B 107 -10.86 10.11 22.62
CA MET B 107 -9.44 9.86 22.59
C MET B 107 -8.87 10.44 21.33
N GLU B 108 -9.66 10.31 20.27
CA GLU B 108 -9.24 10.82 19.01
C GLU B 108 -8.99 12.33 19.02
N ARG B 109 -9.90 13.10 19.62
CA ARG B 109 -9.69 14.54 19.68
C ARG B 109 -8.46 14.86 20.50
N ALA B 110 -8.27 14.10 21.58
CA ALA B 110 -7.11 14.31 22.42
C ALA B 110 -5.88 14.15 21.60
N ILE B 111 -5.90 13.16 20.75
CA ILE B 111 -4.78 12.90 19.88
C ILE B 111 -4.61 14.01 18.86
N ASP B 112 -5.75 14.54 18.39
CA ASP B 112 -5.75 15.62 17.42
C ASP B 112 -5.17 16.87 18.02
N ASP B 113 -5.46 17.05 19.29
CA ASP B 113 -4.94 18.18 19.98
C ASP B 113 -3.45 18.04 20.01
N GLU B 114 -3.00 16.83 20.38
CA GLU B 114 -1.57 16.50 20.47
C GLU B 114 -0.77 16.67 19.18
N ILE B 115 -1.43 16.45 18.08
CA ILE B 115 -0.83 16.59 16.78
C ILE B 115 -0.78 18.09 16.42
N GLN B 116 -1.85 18.79 16.76
CA GLN B 116 -1.92 20.21 16.50
C GLN B 116 -0.75 20.98 17.13
N ILE B 117 -0.30 20.47 18.27
CA ILE B 117 0.79 21.04 19.04
C ILE B 117 2.16 20.80 18.39
N LEU B 118 2.23 19.80 17.56
CA LEU B 118 3.45 19.50 16.90
C LEU B 118 3.44 20.11 15.53
N ILE B 119 2.23 20.17 14.96
CA ILE B 119 2.04 20.74 13.66
C ILE B 119 2.45 22.19 13.71
N ALA B 120 1.95 22.85 14.76
CA ALA B 120 2.19 24.24 15.08
C ALA B 120 3.62 24.44 15.66
N ALA B 121 4.10 23.45 16.40
CA ALA B 121 5.45 23.56 16.97
C ALA B 121 6.52 23.32 15.88
N CYS B 122 6.06 22.91 14.70
CA CYS B 122 6.92 22.63 13.55
C CYS B 122 6.98 23.89 12.68
N GLN B 123 5.84 24.59 12.68
CA GLN B 123 5.61 25.83 11.96
C GLN B 123 6.57 26.96 12.36
N ARG B 124 6.68 27.19 13.68
CA ARG B 124 7.56 28.23 14.28
C ARG B 124 9.02 27.83 14.30
N CYS B 125 9.25 26.52 14.14
CA CYS B 125 10.59 25.97 14.15
C CYS B 125 11.39 26.26 12.90
N PRO B 126 12.58 26.78 13.16
CA PRO B 126 13.60 27.16 12.20
C PRO B 126 14.43 26.00 11.71
N ALA B 127 14.58 25.01 12.58
CA ALA B 127 15.33 23.82 12.27
C ALA B 127 14.56 22.89 11.35
N LYS B 128 15.28 22.12 10.53
CA LYS B 128 14.64 21.18 9.62
C LYS B 128 14.08 20.00 10.37
N VAL B 129 12.77 19.87 10.28
CA VAL B 129 12.06 18.80 10.95
C VAL B 129 11.68 17.69 9.97
N VAL B 130 11.95 16.48 10.32
CA VAL B 130 11.59 15.40 9.44
C VAL B 130 10.70 14.47 10.19
N LEU B 131 9.53 14.19 9.64
CA LEU B 131 8.60 13.30 10.32
C LEU B 131 8.42 11.91 9.67
N VAL B 132 8.76 10.86 10.40
CA VAL B 132 8.63 9.52 9.89
C VAL B 132 7.35 8.83 10.38
N THR B 133 6.49 8.45 9.42
CA THR B 133 5.23 7.77 9.74
C THR B 133 5.03 6.47 8.97
N ASN B 134 3.91 5.83 9.23
CA ASN B 134 3.60 4.57 8.56
C ASN B 134 2.22 4.51 7.91
N GLU B 135 2.18 3.76 6.83
CA GLU B 135 0.98 3.54 6.08
C GLU B 135 0.44 2.23 6.61
N VAL B 136 -0.83 2.17 7.01
CA VAL B 136 -1.37 0.92 7.53
C VAL B 136 -2.79 0.65 7.12
N GLY B 137 -3.21 1.24 6.02
CA GLY B 137 -4.57 1.02 5.61
C GLY B 137 -4.77 0.41 4.23
N MET B 138 -3.74 -0.25 3.66
CA MET B 138 -3.85 -0.88 2.33
C MET B 138 -4.03 -2.38 2.41
N GLY B 139 -4.41 -2.87 3.59
CA GLY B 139 -4.65 -4.28 3.86
C GLY B 139 -6.12 -4.51 4.14
N ILE B 140 -6.43 -5.64 4.72
CA ILE B 140 -7.83 -5.97 5.03
C ILE B 140 -8.29 -5.43 6.40
N VAL B 141 -9.60 -5.13 6.51
CA VAL B 141 -10.20 -4.62 7.75
C VAL B 141 -10.08 -5.61 8.91
N PRO B 142 -9.31 -5.22 9.92
CA PRO B 142 -9.04 -6.00 11.12
C PRO B 142 -10.31 -6.41 11.89
N GLU B 143 -10.29 -7.58 12.54
CA GLU B 143 -11.46 -8.05 13.30
C GLU B 143 -11.42 -7.49 14.69
N ASN B 144 -10.19 -7.36 15.18
CA ASN B 144 -9.88 -6.83 16.49
C ASN B 144 -10.30 -5.37 16.55
N ARG B 145 -11.31 -5.10 17.37
CA ARG B 145 -11.87 -3.77 17.54
C ARG B 145 -10.88 -2.64 17.70
N LEU B 146 -9.83 -2.89 18.47
CA LEU B 146 -8.82 -1.88 18.69
C LEU B 146 -8.05 -1.53 17.44
N ALA B 147 -7.65 -2.54 16.72
CA ALA B 147 -6.90 -2.34 15.52
C ALA B 147 -7.69 -1.55 14.50
N ARG B 148 -8.95 -1.89 14.37
CA ARG B 148 -9.81 -1.24 13.43
C ARG B 148 -9.78 0.26 13.62
N HIS B 149 -9.88 0.66 14.89
CA HIS B 149 -9.87 2.05 15.28
C HIS B 149 -8.58 2.74 15.04
N PHE B 150 -7.53 2.06 15.45
CA PHE B 150 -6.20 2.57 15.29
C PHE B 150 -5.97 2.85 13.81
N ARG B 151 -6.38 1.88 12.99
CA ARG B 151 -6.23 1.98 11.56
C ARG B 151 -6.82 3.28 11.02
N ASP B 152 -7.94 3.63 11.55
CA ASP B 152 -8.61 4.83 11.14
C ASP B 152 -7.89 6.05 11.63
N ILE B 153 -7.81 6.13 12.94
CA ILE B 153 -7.14 7.23 13.63
C ILE B 153 -5.83 7.57 12.97
N ALA B 154 -5.05 6.53 12.77
CA ALA B 154 -3.76 6.67 12.16
C ALA B 154 -3.82 7.19 10.72
N GLY B 155 -4.91 6.89 10.01
CA GLY B 155 -5.07 7.35 8.64
C GLY B 155 -5.39 8.84 8.62
N ARG B 156 -6.25 9.22 9.56
CA ARG B 156 -6.64 10.61 9.65
C ARG B 156 -5.47 11.44 10.21
N VAL B 157 -4.72 10.87 11.17
CA VAL B 157 -3.59 11.62 11.71
C VAL B 157 -2.62 12.01 10.62
N ASN B 158 -2.45 11.09 9.67
CA ASN B 158 -1.55 11.24 8.55
C ASN B 158 -1.97 12.32 7.57
N GLN B 159 -3.26 12.34 7.25
CA GLN B 159 -3.80 13.32 6.34
C GLN B 159 -3.44 14.72 6.76
N ARG B 160 -3.56 14.94 8.06
CA ARG B 160 -3.28 16.20 8.70
C ARG B 160 -1.83 16.63 8.60
N LEU B 161 -0.92 15.72 8.90
CA LEU B 161 0.50 16.03 8.85
C LEU B 161 0.94 16.27 7.43
N ALA B 162 0.30 15.55 6.52
CA ALA B 162 0.61 15.64 5.12
C ALA B 162 0.24 17.00 4.54
N ALA B 163 -0.89 17.52 5.03
CA ALA B 163 -1.40 18.81 4.61
C ALA B 163 -0.56 19.94 5.18
N ALA B 164 0.23 19.61 6.20
CA ALA B 164 1.10 20.57 6.85
C ALA B 164 2.51 20.46 6.31
N ALA B 165 2.84 19.28 5.80
CA ALA B 165 4.13 19.04 5.24
C ALA B 165 4.35 19.94 4.03
N ASP B 166 5.57 20.38 3.78
CA ASP B 166 5.83 21.22 2.63
C ASP B 166 6.26 20.31 1.48
N GLU B 167 6.70 19.11 1.92
CA GLU B 167 7.20 18.02 1.10
C GLU B 167 6.76 16.67 1.67
N VAL B 168 6.32 15.77 0.79
CA VAL B 168 5.89 14.44 1.22
C VAL B 168 6.52 13.32 0.40
N TRP B 169 7.10 12.34 1.12
CA TRP B 169 7.76 11.21 0.48
C TRP B 169 7.18 9.89 0.78
N LEU B 170 7.08 9.15 -0.27
CA LEU B 170 6.60 7.81 -0.18
C LEU B 170 7.70 6.81 -0.47
N VAL B 171 8.09 6.06 0.55
CA VAL B 171 9.12 5.11 0.40
C VAL B 171 8.66 3.69 0.20
N VAL B 172 8.95 3.17 -0.99
CA VAL B 172 8.61 1.83 -1.40
C VAL B 172 9.87 0.98 -1.65
N SER B 173 10.02 -0.10 -0.89
CA SER B 173 11.19 -0.97 -1.07
C SER B 173 12.47 -0.16 -1.05
N GLY B 174 12.48 0.83 -0.15
CA GLY B 174 13.60 1.71 0.04
C GLY B 174 13.67 2.85 -0.97
N ILE B 175 12.89 2.73 -2.05
CA ILE B 175 12.85 3.75 -3.12
C ILE B 175 11.89 4.89 -2.78
N GLY B 176 12.42 6.11 -2.74
CA GLY B 176 11.63 7.30 -2.41
C GLY B 176 10.93 7.98 -3.57
N VAL B 177 9.66 8.30 -3.31
CA VAL B 177 8.78 8.96 -4.25
C VAL B 177 8.22 10.26 -3.67
N LYS B 178 8.64 11.39 -4.24
CA LYS B 178 8.19 12.69 -3.79
C LYS B 178 6.81 12.95 -4.30
N ILE B 179 5.81 12.81 -3.47
CA ILE B 179 4.45 13.04 -3.94
C ILE B 179 3.90 14.40 -3.62
N LYS B 180 4.71 15.18 -2.95
CA LYS B 180 4.33 16.53 -2.58
C LYS B 180 5.59 17.27 -2.49
N MET C 1 -14.42 8.75 -17.55
CA MET C 1 -14.58 8.36 -16.16
C MET C 1 -13.25 8.26 -15.47
N ILE C 2 -13.20 8.74 -14.22
CA ILE C 2 -11.97 8.67 -13.46
C ILE C 2 -12.08 7.83 -12.21
N LEU C 3 -11.08 6.97 -12.01
CA LEU C 3 -11.05 6.10 -10.86
C LEU C 3 -10.13 6.61 -9.79
N VAL C 4 -10.62 6.66 -8.54
CA VAL C 4 -9.83 7.11 -7.38
C VAL C 4 -9.63 5.97 -6.40
N THR C 5 -8.39 5.62 -6.11
CA THR C 5 -8.17 4.51 -5.17
C THR C 5 -7.30 4.92 -4.00
N GLY C 6 -7.35 4.13 -2.96
CA GLY C 6 -6.56 4.41 -1.79
C GLY C 6 -6.87 3.45 -0.66
N GLY C 7 -6.09 3.55 0.40
CA GLY C 7 -6.30 2.72 1.55
C GLY C 7 -7.38 3.30 2.45
N ALA C 8 -7.53 2.74 3.65
CA ALA C 8 -8.53 3.21 4.58
C ALA C 8 -8.14 4.54 5.22
N ARG C 9 -9.07 5.49 5.19
CA ARG C 9 -8.84 6.81 5.76
C ARG C 9 -7.64 7.46 5.15
N SER C 10 -7.56 7.35 3.81
CA SER C 10 -6.48 7.93 3.03
C SER C 10 -6.85 9.28 2.44
N GLY C 11 -8.12 9.68 2.62
CA GLY C 11 -8.68 10.97 2.15
C GLY C 11 -9.14 11.01 0.69
N LYS C 12 -9.38 9.83 0.08
CA LYS C 12 -9.83 9.64 -1.32
C LYS C 12 -11.12 10.36 -1.77
N SER C 13 -12.17 10.35 -0.93
CA SER C 13 -13.43 11.01 -1.29
C SER C 13 -13.25 12.51 -1.39
N ARG C 14 -12.62 13.07 -0.36
CA ARG C 14 -12.33 14.49 -0.30
C ARG C 14 -11.64 14.93 -1.58
N HIS C 15 -10.79 14.06 -2.06
CA HIS C 15 -10.10 14.34 -3.25
C HIS C 15 -11.05 14.07 -4.39
N ALA C 16 -11.77 12.95 -4.29
CA ALA C 16 -12.72 12.58 -5.34
C ALA C 16 -13.71 13.68 -5.54
N GLU C 17 -14.13 14.29 -4.43
CA GLU C 17 -15.08 15.40 -4.48
C GLU C 17 -14.41 16.64 -5.00
N ALA C 18 -13.12 16.77 -4.70
CA ALA C 18 -12.37 17.92 -5.16
C ALA C 18 -12.36 17.86 -6.68
N LEU C 19 -12.29 16.62 -7.15
CA LEU C 19 -12.28 16.31 -8.57
C LEU C 19 -13.47 16.97 -9.29
N ILE C 20 -14.65 16.87 -8.67
CA ILE C 20 -15.88 17.43 -9.19
C ILE C 20 -15.88 19.00 -9.23
N GLY C 21 -16.11 19.67 -8.18
CA GLY C 21 -16.09 21.16 -8.04
C GLY C 21 -17.48 21.86 -8.13
N ASP C 22 -17.52 22.81 -9.08
CA ASP C 22 -18.59 23.69 -9.41
C ASP C 22 -19.46 23.37 -10.64
N ALA C 23 -20.08 22.25 -10.62
CA ALA C 23 -20.98 21.72 -11.66
C ALA C 23 -22.24 21.62 -10.79
N PRO C 24 -22.90 22.76 -10.57
CA PRO C 24 -24.14 22.86 -9.78
C PRO C 24 -25.00 21.62 -9.52
N GLN C 25 -25.23 20.84 -10.58
CA GLN C 25 -26.05 19.67 -10.43
C GLN C 25 -25.18 18.44 -10.38
N VAL C 26 -25.27 17.65 -9.28
CA VAL C 26 -24.45 16.45 -9.15
C VAL C 26 -25.20 15.29 -8.51
N LEU C 27 -24.83 14.07 -8.93
CA LEU C 27 -25.44 12.85 -8.44
C LEU C 27 -24.47 11.99 -7.66
N TYR C 28 -24.85 11.73 -6.42
CA TYR C 28 -24.07 10.92 -5.52
C TYR C 28 -24.67 9.53 -5.40
N ILE C 29 -23.93 8.53 -5.86
CA ILE C 29 -24.35 7.15 -5.82
C ILE C 29 -23.63 6.50 -4.67
N ALA C 30 -24.38 6.16 -3.59
CA ALA C 30 -23.81 5.55 -2.37
C ALA C 30 -24.11 4.05 -2.15
N THR C 31 -23.03 3.23 -2.08
CA THR C 31 -23.11 1.78 -1.90
C THR C 31 -23.62 1.25 -0.55
N SER C 32 -23.73 2.13 0.40
CA SER C 32 -24.21 1.73 1.70
C SER C 32 -25.10 2.81 2.19
N GLN C 33 -26.04 2.42 3.02
CA GLN C 33 -26.92 3.42 3.57
C GLN C 33 -26.02 4.39 4.28
N ILE C 34 -25.17 3.79 5.12
CA ILE C 34 -24.19 4.49 5.93
C ILE C 34 -23.54 5.62 5.14
N LEU C 35 -23.35 5.42 3.85
CA LEU C 35 -22.76 6.43 3.02
C LEU C 35 -23.78 7.43 2.44
N ASP C 36 -24.98 6.94 2.09
CA ASP C 36 -26.04 7.78 1.53
C ASP C 36 -26.51 8.81 2.54
N ASP C 37 -26.29 8.47 3.82
CA ASP C 37 -26.67 9.30 4.98
C ASP C 37 -25.70 10.44 5.30
N GLU C 38 -24.41 10.15 5.30
CA GLU C 38 -23.44 11.18 5.59
C GLU C 38 -23.55 12.32 4.60
N MET C 39 -23.81 11.97 3.34
CA MET C 39 -23.97 12.94 2.25
C MET C 39 -25.20 13.83 2.39
N ALA C 40 -26.39 13.22 2.40
CA ALA C 40 -27.63 13.97 2.53
C ALA C 40 -27.68 14.74 3.85
N ALA C 41 -26.61 14.56 4.64
CA ALA C 41 -26.44 15.20 5.94
C ALA C 41 -25.73 16.54 5.76
N ARG C 42 -24.73 16.53 4.89
CA ARG C 42 -23.98 17.73 4.61
C ARG C 42 -24.72 18.60 3.60
N ILE C 43 -25.61 17.98 2.79
CA ILE C 43 -26.40 18.68 1.76
C ILE C 43 -27.66 19.37 2.30
N GLN C 44 -27.70 19.50 3.63
CA GLN C 44 -28.80 20.15 4.37
C GLN C 44 -28.25 21.40 5.05
N HIS C 45 -26.94 21.31 5.32
CA HIS C 45 -26.13 22.35 5.94
C HIS C 45 -25.27 23.06 4.89
N HIS C 46 -24.77 22.28 3.92
CA HIS C 46 -23.96 22.82 2.84
C HIS C 46 -24.82 23.74 2.00
N ASP C 48 -26.70 25.48 0.61
CA ASP C 48 -26.68 26.88 0.99
C ASP C 48 -25.28 27.48 0.84
N GLY C 49 -24.30 26.82 1.49
CA GLY C 49 -22.89 27.22 1.49
C GLY C 49 -22.29 27.27 0.08
N ARG C 50 -22.40 26.15 -0.64
CA ARG C 50 -21.92 26.03 -2.01
C ARG C 50 -23.17 26.15 -2.93
N PRO C 51 -23.04 26.61 -4.17
CA PRO C 51 -24.23 26.75 -5.02
C PRO C 51 -24.64 25.44 -5.66
N ALA C 52 -24.19 24.35 -5.09
CA ALA C 52 -24.46 23.06 -5.65
C ALA C 52 -25.68 22.30 -5.20
N HIS C 53 -26.46 21.96 -6.23
CA HIS C 53 -27.65 21.19 -6.05
C HIS C 53 -27.25 19.74 -6.27
N TRP C 54 -26.69 19.17 -5.21
CA TRP C 54 -26.24 17.80 -5.19
C TRP C 54 -27.41 16.86 -4.85
N ARG C 55 -27.44 15.68 -5.52
CA ARG C 55 -28.48 14.68 -5.30
C ARG C 55 -27.89 13.31 -5.00
N THR C 56 -28.52 12.60 -4.05
CA THR C 56 -28.13 11.28 -3.65
C THR C 56 -29.19 10.30 -4.05
N ALA C 57 -28.73 9.06 -4.00
CA ALA C 57 -29.42 7.86 -4.27
C ALA C 57 -28.52 6.68 -3.72
N GLU C 58 -29.07 5.72 -2.85
CA GLU C 58 -28.35 4.51 -2.30
C GLU C 58 -28.44 3.30 -3.29
N CYS C 59 -27.30 2.86 -3.90
CA CYS C 59 -27.34 1.73 -4.88
C CYS C 59 -26.01 1.11 -5.36
N TRP C 60 -26.02 -0.24 -5.41
CA TRP C 60 -24.91 -1.07 -5.85
C TRP C 60 -25.40 -2.22 -6.72
N ARG C 61 -26.21 -1.90 -7.72
CA ARG C 61 -26.79 -2.92 -8.63
C ARG C 61 -27.54 -2.30 -9.80
N HIS C 62 -27.17 -2.66 -11.03
CA HIS C 62 -27.87 -2.11 -12.17
C HIS C 62 -27.59 -0.63 -12.32
N LEU C 63 -26.34 -0.26 -12.08
CA LEU C 63 -25.91 1.11 -12.15
C LEU C 63 -26.38 1.84 -13.43
N ASP C 64 -26.48 1.10 -14.56
CA ASP C 64 -26.90 1.62 -15.86
C ASP C 64 -28.16 2.49 -15.81
N THR C 65 -28.94 2.24 -14.73
CA THR C 65 -30.22 2.92 -14.42
C THR C 65 -30.06 4.39 -14.03
N LEU C 66 -29.01 4.68 -13.29
CA LEU C 66 -28.69 6.03 -12.83
C LEU C 66 -27.66 6.68 -13.77
N ILE C 67 -26.51 5.94 -13.98
CA ILE C 67 -25.36 6.31 -14.83
C ILE C 67 -25.91 6.31 -16.25
N THR C 68 -26.87 7.17 -16.46
CA THR C 68 -27.48 7.25 -17.72
C THR C 68 -26.84 8.11 -18.71
N ALA C 69 -27.43 8.07 -19.90
CA ALA C 69 -26.92 8.88 -20.98
C ALA C 69 -27.80 10.09 -21.13
N ASP C 70 -28.88 10.05 -20.37
CA ASP C 70 -29.88 11.09 -20.33
C ASP C 70 -29.44 12.26 -19.48
N LEU C 71 -28.16 12.25 -19.09
CA LEU C 71 -27.61 13.32 -18.27
C LEU C 71 -26.75 14.27 -19.06
N ALA C 72 -26.81 15.54 -18.69
CA ALA C 72 -26.05 16.60 -19.34
C ALA C 72 -24.57 16.49 -19.01
N PRO C 73 -23.71 16.84 -20.00
CA PRO C 73 -22.26 16.79 -19.86
C PRO C 73 -21.69 17.84 -18.92
N ASP C 74 -22.60 18.55 -18.28
CA ASP C 74 -22.27 19.58 -17.31
C ASP C 74 -22.40 18.95 -15.94
N ASP C 75 -23.12 17.82 -15.95
CA ASP C 75 -23.40 17.04 -14.76
C ASP C 75 -22.30 16.07 -14.43
N ALA C 76 -22.16 15.85 -13.15
CA ALA C 76 -21.17 14.97 -12.67
C ALA C 76 -21.76 13.90 -11.80
N ILE C 77 -21.03 12.81 -11.70
CA ILE C 77 -21.43 11.71 -10.90
C ILE C 77 -20.32 11.27 -9.97
N LEU C 78 -20.69 11.02 -8.72
CA LEU C 78 -19.77 10.57 -7.70
C LEU C 78 -20.22 9.25 -7.13
N LEU C 79 -19.50 8.22 -7.47
CA LEU C 79 -19.86 6.92 -6.97
C LEU C 79 -18.85 6.45 -5.95
N GLU C 80 -19.38 6.00 -4.82
CA GLU C 80 -18.58 5.48 -3.74
C GLU C 80 -19.41 4.50 -2.89
N CYS C 81 -18.89 3.32 -2.56
CA CYS C 81 -17.56 2.85 -2.91
C CYS C 81 -17.64 1.48 -3.58
N ILE C 82 -16.72 1.19 -4.53
CA ILE C 82 -16.67 -0.10 -5.27
C ILE C 82 -16.58 -1.37 -4.40
N THR C 83 -15.72 -1.32 -3.38
CA THR C 83 -15.51 -2.44 -2.49
C THR C 83 -16.74 -2.85 -1.69
N THR C 84 -17.50 -1.87 -1.22
CA THR C 84 -18.69 -2.17 -0.46
C THR C 84 -19.73 -2.80 -1.40
N MET C 85 -19.59 -2.47 -2.69
CA MET C 85 -20.47 -3.00 -3.69
C MET C 85 -20.24 -4.49 -3.73
N VAL C 86 -18.96 -4.83 -3.87
CA VAL C 86 -18.50 -6.19 -3.91
C VAL C 86 -18.99 -7.01 -2.72
N THR C 87 -18.64 -6.53 -1.53
CA THR C 87 -19.04 -7.20 -0.32
C THR C 87 -20.54 -7.45 -0.31
N ASN C 88 -21.29 -6.45 -0.72
CA ASN C 88 -22.72 -6.59 -0.76
C ASN C 88 -23.07 -7.73 -1.69
N LEU C 89 -22.57 -7.62 -2.91
CA LEU C 89 -22.81 -8.63 -3.92
C LEU C 89 -22.45 -10.02 -3.41
N LEU C 90 -21.37 -10.09 -2.69
CA LEU C 90 -20.91 -11.33 -2.15
C LEU C 90 -22.00 -11.99 -1.36
N PHE C 91 -22.55 -11.23 -0.39
CA PHE C 91 -23.60 -11.67 0.53
C PHE C 91 -24.87 -12.19 -0.07
N ALA C 92 -25.37 -11.45 -1.04
CA ALA C 92 -26.60 -11.78 -1.75
C ALA C 92 -26.35 -12.87 -2.76
N LEU C 93 -25.22 -12.79 -3.42
CA LEU C 93 -24.91 -13.80 -4.39
C LEU C 93 -24.74 -15.12 -3.67
N GLY C 94 -24.03 -15.05 -2.54
CA GLY C 94 -23.77 -16.22 -1.74
C GLY C 94 -25.06 -16.80 -1.17
N GLY C 95 -26.10 -15.99 -1.15
CA GLY C 95 -27.39 -16.42 -0.65
C GLY C 95 -27.43 -16.57 0.85
N GLU C 96 -28.32 -17.45 1.28
CA GLU C 96 -28.54 -17.76 2.67
C GLU C 96 -27.62 -18.91 3.12
N ASN C 97 -26.45 -19.01 2.48
CA ASN C 97 -25.48 -20.06 2.77
C ASN C 97 -24.25 -19.62 3.55
N ASP C 98 -23.55 -20.62 4.09
CA ASP C 98 -22.36 -20.42 4.87
C ASP C 98 -21.21 -20.14 3.94
N PRO C 99 -20.52 -19.04 4.19
CA PRO C 99 -19.41 -18.67 3.36
C PRO C 99 -18.43 -19.82 3.13
N GLU C 100 -18.55 -20.83 3.98
CA GLU C 100 -17.68 -22.00 3.88
C GLU C 100 -18.08 -22.83 2.68
N GLN C 101 -19.35 -22.73 2.31
CA GLN C 101 -19.86 -23.46 1.17
C GLN C 101 -20.36 -22.56 0.05
N TRP C 102 -19.42 -21.81 -0.52
CA TRP C 102 -19.72 -20.89 -1.60
C TRP C 102 -18.93 -21.19 -2.87
N ASP C 103 -19.53 -20.80 -4.00
CA ASP C 103 -18.95 -20.97 -5.32
C ASP C 103 -18.25 -19.67 -5.72
N TYR C 104 -17.06 -19.45 -5.15
CA TYR C 104 -16.28 -18.26 -5.39
C TYR C 104 -15.88 -17.97 -6.84
N ALA C 105 -15.81 -19.02 -7.67
CA ALA C 105 -15.45 -18.81 -9.05
C ALA C 105 -16.64 -18.24 -9.83
N ALA C 106 -17.83 -18.72 -9.46
CA ALA C 106 -19.09 -18.30 -10.07
C ALA C 106 -19.59 -16.95 -9.57
N MET C 107 -19.40 -16.70 -8.27
CA MET C 107 -19.82 -15.45 -7.69
C MET C 107 -19.05 -14.36 -8.36
N GLU C 108 -17.77 -14.65 -8.49
CA GLU C 108 -16.83 -13.77 -9.14
C GLU C 108 -17.36 -13.33 -10.51
N ARG C 109 -17.96 -14.28 -11.20
CA ARG C 109 -18.50 -14.02 -12.51
C ARG C 109 -19.65 -13.04 -12.51
N ALA C 110 -20.57 -13.26 -11.59
CA ALA C 110 -21.71 -12.38 -11.51
C ALA C 110 -21.31 -10.95 -11.23
N ILE C 111 -20.37 -10.80 -10.33
CA ILE C 111 -19.89 -9.49 -9.98
C ILE C 111 -19.30 -8.80 -11.20
N ASP C 112 -18.51 -9.57 -11.95
CA ASP C 112 -17.88 -9.09 -13.16
C ASP C 112 -18.92 -8.47 -14.05
N ASP C 113 -20.02 -9.20 -14.19
CA ASP C 113 -21.11 -8.77 -14.99
C ASP C 113 -21.52 -7.39 -14.59
N GLU C 114 -21.96 -7.27 -13.35
CA GLU C 114 -22.36 -5.99 -12.83
C GLU C 114 -21.28 -4.97 -13.09
N ILE C 115 -20.04 -5.43 -13.02
CA ILE C 115 -18.90 -4.55 -13.27
C ILE C 115 -18.93 -4.06 -14.73
N GLN C 116 -19.17 -4.99 -15.68
CA GLN C 116 -19.22 -4.69 -17.13
C GLN C 116 -20.34 -3.76 -17.48
N ILE C 117 -21.42 -3.89 -16.74
CA ILE C 117 -22.58 -3.05 -16.94
C ILE C 117 -22.21 -1.63 -16.59
N LEU C 118 -21.63 -1.51 -15.39
CA LEU C 118 -21.19 -0.25 -14.85
C LEU C 118 -20.23 0.37 -15.84
N ILE C 119 -19.23 -0.41 -16.19
CA ILE C 119 -18.25 0.06 -17.12
C ILE C 119 -18.90 0.49 -18.41
N ALA C 120 -19.95 -0.23 -18.78
CA ALA C 120 -20.71 0.03 -20.00
C ALA C 120 -21.50 1.31 -19.94
N ALA C 121 -22.29 1.44 -18.88
CA ALA C 121 -23.13 2.61 -18.67
C ALA C 121 -22.31 3.89 -18.65
N CYS C 122 -21.06 3.74 -18.20
CA CYS C 122 -20.10 4.83 -18.08
C CYS C 122 -19.65 5.36 -19.42
N GLN C 123 -19.66 4.48 -20.41
CA GLN C 123 -19.26 4.86 -21.74
C GLN C 123 -20.33 5.64 -22.45
N ARG C 124 -21.57 5.33 -22.10
CA ARG C 124 -22.73 5.97 -22.70
C ARG C 124 -23.23 7.19 -21.97
N CYS C 125 -22.58 7.56 -20.88
CA CYS C 125 -22.98 8.73 -20.12
C CYS C 125 -22.11 9.92 -20.52
N PRO C 126 -22.75 11.06 -20.85
CA PRO C 126 -21.97 12.23 -21.26
C PRO C 126 -21.36 12.99 -20.09
N ALA C 127 -21.94 12.76 -18.90
CA ALA C 127 -21.52 13.38 -17.66
C ALA C 127 -20.26 12.80 -17.06
N LYS C 128 -19.64 13.63 -16.21
CA LYS C 128 -18.44 13.29 -15.50
C LYS C 128 -18.75 12.31 -14.38
N VAL C 129 -18.06 11.17 -14.43
CA VAL C 129 -18.26 10.13 -13.44
C VAL C 129 -16.99 9.74 -12.72
N VAL C 130 -17.00 9.92 -11.41
CA VAL C 130 -15.87 9.58 -10.60
C VAL C 130 -16.20 8.41 -9.71
N LEU C 131 -15.29 7.43 -9.67
CA LEU C 131 -15.48 6.24 -8.84
C LEU C 131 -14.41 6.09 -7.77
N VAL C 132 -14.86 5.84 -6.53
CA VAL C 132 -13.96 5.69 -5.41
C VAL C 132 -13.81 4.25 -5.02
N THR C 133 -12.58 3.83 -4.86
CA THR C 133 -12.29 2.49 -4.48
C THR C 133 -11.22 2.43 -3.43
N ASN C 134 -10.94 1.24 -2.96
CA ASN C 134 -9.92 1.06 -1.97
C ASN C 134 -8.90 0.02 -2.35
N GLU C 135 -7.68 0.24 -1.90
CA GLU C 135 -6.59 -0.68 -2.11
C GLU C 135 -6.62 -1.59 -0.88
N VAL C 136 -6.77 -2.90 -1.04
CA VAL C 136 -6.81 -3.79 0.12
C VAL C 136 -5.85 -4.94 0.01
N GLY C 137 -4.87 -4.87 -0.91
CA GLY C 137 -3.93 -5.96 -1.11
C GLY C 137 -2.46 -5.74 -0.72
N MET C 138 -2.12 -4.76 0.10
CA MET C 138 -0.70 -4.57 0.45
C MET C 138 -0.39 -4.98 1.86
N GLY C 139 -1.28 -5.77 2.37
CA GLY C 139 -1.15 -6.30 3.68
C GLY C 139 -0.78 -7.77 3.56
N ILE C 140 -0.91 -8.46 4.66
CA ILE C 140 -0.61 -9.86 4.70
C ILE C 140 -1.88 -10.68 4.36
N VAL C 141 -1.68 -11.94 3.93
CA VAL C 141 -2.77 -12.84 3.54
C VAL C 141 -3.67 -13.26 4.66
N PRO C 142 -4.91 -12.82 4.57
CA PRO C 142 -5.91 -13.14 5.56
C PRO C 142 -5.99 -14.62 5.89
N GLU C 143 -6.37 -14.85 7.14
CA GLU C 143 -6.54 -16.17 7.70
C GLU C 143 -7.92 -16.64 7.33
N ASN C 144 -8.87 -15.71 7.50
CA ASN C 144 -10.24 -15.98 7.17
C ASN C 144 -10.38 -16.43 5.71
N ARG C 145 -11.40 -17.21 5.42
CA ARG C 145 -11.56 -17.69 4.07
C ARG C 145 -12.20 -16.70 3.13
N LEU C 146 -13.33 -16.15 3.56
CA LEU C 146 -14.04 -15.17 2.78
C LEU C 146 -13.08 -14.06 2.43
N ALA C 147 -12.46 -13.56 3.50
CA ALA C 147 -11.49 -12.50 3.44
C ALA C 147 -10.44 -12.70 2.36
N ARG C 148 -9.89 -13.92 2.26
CA ARG C 148 -8.87 -14.23 1.27
C ARG C 148 -9.38 -13.99 -0.16
N HIS C 149 -10.61 -14.41 -0.39
CA HIS C 149 -11.28 -14.30 -1.65
C HIS C 149 -11.63 -12.90 -1.96
N PHE C 150 -12.27 -12.27 -0.97
CA PHE C 150 -12.66 -10.89 -1.08
C PHE C 150 -11.49 -10.04 -1.61
N ARG C 151 -10.32 -10.27 -1.01
CA ARG C 151 -9.09 -9.60 -1.36
C ARG C 151 -8.68 -9.80 -2.82
N ASP C 152 -8.76 -11.04 -3.29
CA ASP C 152 -8.42 -11.34 -4.66
C ASP C 152 -9.40 -10.68 -5.62
N ILE C 153 -10.63 -11.04 -5.46
CA ILE C 153 -11.69 -10.52 -6.25
C ILE C 153 -11.71 -9.01 -6.25
N ALA C 154 -11.58 -8.46 -5.06
CA ALA C 154 -11.59 -7.03 -4.94
C ALA C 154 -10.50 -6.41 -5.77
N GLY C 155 -9.34 -7.07 -5.77
CA GLY C 155 -8.18 -6.62 -6.51
C GLY C 155 -8.30 -6.75 -8.00
N ARG C 156 -8.96 -7.82 -8.45
CA ARG C 156 -9.12 -8.05 -9.88
C ARG C 156 -10.13 -7.08 -10.50
N VAL C 157 -11.16 -6.74 -9.71
CA VAL C 157 -12.19 -5.81 -10.11
C VAL C 157 -11.59 -4.42 -10.31
N ASN C 158 -10.69 -4.08 -9.43
CA ASN C 158 -10.05 -2.81 -9.54
C ASN C 158 -9.20 -2.76 -10.80
N GLN C 159 -8.71 -3.92 -11.26
CA GLN C 159 -7.91 -3.90 -12.47
C GLN C 159 -8.74 -3.52 -13.67
N ARG C 160 -9.95 -4.06 -13.71
CA ARG C 160 -10.86 -3.77 -14.82
C ARG C 160 -11.10 -2.28 -14.89
N LEU C 161 -11.61 -1.78 -13.80
CA LEU C 161 -11.90 -0.38 -13.68
C LEU C 161 -10.78 0.51 -14.12
N ALA C 162 -9.61 0.33 -13.50
CA ALA C 162 -8.44 1.15 -13.83
C ALA C 162 -8.23 1.29 -15.32
N ALA C 163 -8.45 0.16 -16.00
CA ALA C 163 -8.32 0.01 -17.43
C ALA C 163 -9.37 0.77 -18.22
N ALA C 164 -10.60 0.78 -17.72
CA ALA C 164 -11.66 1.48 -18.41
C ALA C 164 -11.64 2.95 -18.02
N ALA C 165 -10.79 3.27 -17.03
CA ALA C 165 -10.63 4.62 -16.54
C ALA C 165 -9.83 5.52 -17.46
N ASP C 166 -10.30 6.75 -17.57
CA ASP C 166 -9.61 7.71 -18.40
C ASP C 166 -8.42 8.19 -17.60
N GLU C 167 -8.71 8.38 -16.28
CA GLU C 167 -7.76 8.81 -15.28
C GLU C 167 -7.81 7.98 -14.02
N VAL C 168 -6.65 7.82 -13.46
CA VAL C 168 -6.51 7.06 -12.29
C VAL C 168 -5.66 7.79 -11.29
N TRP C 169 -6.28 7.98 -10.11
CA TRP C 169 -5.71 8.66 -8.97
C TRP C 169 -5.47 7.78 -7.76
N LEU C 170 -4.25 7.83 -7.28
CA LEU C 170 -3.88 7.07 -6.11
C LEU C 170 -3.64 8.08 -5.04
N VAL C 171 -4.49 8.01 -4.02
CA VAL C 171 -4.46 8.89 -2.87
C VAL C 171 -3.77 8.25 -1.67
N VAL C 172 -2.76 8.94 -1.15
CA VAL C 172 -2.05 8.46 -0.02
C VAL C 172 -1.85 9.58 0.93
N SER C 173 -2.39 9.41 2.14
CA SER C 173 -2.30 10.40 3.17
C SER C 173 -2.90 11.73 2.69
N GLY C 174 -3.98 11.62 1.88
CA GLY C 174 -4.72 12.75 1.34
C GLY C 174 -4.05 13.44 0.14
N ILE C 175 -2.91 12.89 -0.26
CA ILE C 175 -2.15 13.42 -1.38
C ILE C 175 -2.47 12.62 -2.62
N GLY C 176 -3.11 13.27 -3.59
CA GLY C 176 -3.48 12.63 -4.82
C GLY C 176 -2.31 12.50 -5.77
N VAL C 177 -2.19 11.32 -6.40
CA VAL C 177 -1.12 11.00 -7.37
C VAL C 177 -1.73 10.46 -8.68
N LYS C 178 -1.57 11.19 -9.79
CA LYS C 178 -2.12 10.73 -11.06
C LYS C 178 -1.27 9.64 -11.68
N ILE C 179 -1.82 8.40 -11.73
CA ILE C 179 -1.12 7.26 -12.29
C ILE C 179 -1.44 7.05 -13.75
N LYS C 180 -2.64 7.49 -14.11
CA LYS C 180 -3.10 7.38 -15.45
C LYS C 180 -3.78 8.68 -15.82
S SO4 D . -1.32 -9.97 -9.93
O1 SO4 D . -2.73 -10.02 -10.33
O2 SO4 D . -1.12 -10.74 -8.70
O3 SO4 D . -0.51 -10.56 -10.96
O4 SO4 D . -0.90 -8.59 -9.73
S SO4 E . 11.92 1.12 7.78
O1 SO4 E . 11.86 2.54 7.51
O2 SO4 E . 11.79 0.40 6.53
O3 SO4 E . 13.21 0.81 8.40
O4 SO4 E . 10.85 0.74 8.69
S SO4 F . -11.41 7.82 2.79
O1 SO4 F . -11.64 8.47 1.51
O2 SO4 F . -11.81 6.42 2.71
O3 SO4 F . -10.00 7.91 3.13
O4 SO4 F . -12.19 8.49 3.81
#